data_4TWN
#
_entry.id   4TWN
#
_cell.length_a   55.481
_cell.length_b   38.421
_cell.length_c   74.141
_cell.angle_alpha   90.00
_cell.angle_beta   101.50
_cell.angle_gamma   90.00
#
_symmetry.space_group_name_H-M   'P 1 21 1'
#
loop_
_entity.id
_entity.type
_entity.pdbx_description
1 polymer 'Ephrin type-A receptor 3'
2 non-polymer 1-(5-TERT-BUTYL-2-P-TOLYL-2H-PYRAZOL-3-YL)-3-[4-(2-MORPHOLIN-4-YL-ETHOXY)-NAPHTHALEN-1-YL]-UREA
3 water water
#
_entity_poly.entity_id   1
_entity_poly.type   'polypeptide(L)'
_entity_poly.pdbx_seq_one_letter_code
;MGSSHHHHHHSSGLVPRGSTQTVHEFAKELDATNISIDKVVGAGEFGEVCSGRLKLPSKKEISVAIKTLKVGYTEKQRRD
FLGEASIMGQFDHPNIIRLEGVVTKSKPVMIVTEYMENGSLDSFLRKHDAQFTVIQLVGMLRGIASGMKYLSDMGYVHRD
LAARNILINSNLVCKVSDFGLSRVLEDDPEAAYTTRGGKIPIRWTSPEAIAYRKFTSASDVWSYGIVLWEVMSYGERPYW
EMSNQDVIKAVDEGYRLPPPMDCPAALYQLMLDCWQKDRNNRPKFEQIVSILDKLIRNPGSLKIITSAAARPSNLLLDQS
NVDITTFRTTGDWLNGVWTAHCKEIFTGVEYSSCDTIAKIS
;
_entity_poly.pdbx_strand_id   A
#
# COMPACT_ATOMS: atom_id res chain seq x y z
N THR A 22 12.36 -13.28 -19.68
CA THR A 22 10.93 -13.15 -19.44
C THR A 22 10.64 -12.07 -18.40
N VAL A 23 11.52 -11.92 -17.42
CA VAL A 23 11.46 -10.75 -16.54
C VAL A 23 11.77 -9.52 -17.40
N HIS A 24 12.55 -9.72 -18.46
CA HIS A 24 12.94 -8.60 -19.30
C HIS A 24 11.78 -8.13 -20.18
N GLU A 25 10.69 -8.88 -20.17
CA GLU A 25 9.47 -8.40 -20.78
C GLU A 25 8.94 -7.18 -20.02
N PHE A 26 9.15 -7.16 -18.70
CA PHE A 26 8.55 -6.10 -17.88
C PHE A 26 9.59 -5.28 -17.12
N ALA A 27 10.83 -5.72 -17.12
CA ALA A 27 11.86 -5.05 -16.35
C ALA A 27 13.10 -4.78 -17.20
N LYS A 28 13.59 -3.55 -17.14
CA LYS A 28 14.86 -3.19 -17.77
C LYS A 28 16.05 -3.83 -17.07
N GLU A 29 17.03 -4.30 -17.84
CA GLU A 29 18.26 -4.80 -17.26
C GLU A 29 19.16 -3.61 -16.94
N LEU A 30 19.57 -3.51 -15.68
CA LEU A 30 20.46 -2.45 -15.24
C LEU A 30 21.89 -2.96 -15.12
N ASP A 31 22.84 -2.12 -15.53
CA ASP A 31 24.25 -2.43 -15.35
C ASP A 31 24.63 -2.11 -13.92
N ALA A 32 25.16 -3.10 -13.20
CA ALA A 32 25.51 -2.91 -11.78
C ALA A 32 26.57 -1.82 -11.58
N THR A 33 27.29 -1.49 -12.65
CA THR A 33 28.25 -0.39 -12.62
C THR A 33 27.55 0.95 -12.34
N ASN A 34 26.26 1.01 -12.64
CA ASN A 34 25.50 2.24 -12.48
C ASN A 34 24.79 2.30 -11.13
N ILE A 35 25.03 1.30 -10.29
CA ILE A 35 24.39 1.24 -8.97
C ILE A 35 25.41 1.37 -7.84
N SER A 36 25.12 2.23 -6.87
CA SER A 36 25.92 2.29 -5.67
C SER A 36 25.03 1.94 -4.48
N ILE A 37 25.46 0.97 -3.69
CA ILE A 37 24.75 0.62 -2.46
C ILE A 37 25.33 1.43 -1.31
N ASP A 38 24.48 2.21 -0.65
CA ASP A 38 24.95 3.14 0.36
C ASP A 38 24.68 2.67 1.78
N LYS A 39 23.65 1.83 1.94
CA LYS A 39 23.27 1.38 3.27
C LYS A 39 22.41 0.14 3.22
N VAL A 40 22.70 -0.82 4.10
CA VAL A 40 21.79 -1.94 4.27
C VAL A 40 20.68 -1.49 5.22
N VAL A 41 19.44 -1.54 4.75
CA VAL A 41 18.29 -1.07 5.51
C VAL A 41 17.63 -2.20 6.29
N GLY A 42 17.46 -3.35 5.63
CA GLY A 42 16.87 -4.50 6.27
C GLY A 42 17.50 -5.78 5.74
N ALA A 43 17.44 -6.85 6.51
CA ALA A 43 17.99 -8.12 6.08
C ALA A 43 17.18 -9.30 6.59
N GLY A 44 17.19 -10.39 5.84
CA GLY A 44 16.49 -11.60 6.23
C GLY A 44 17.34 -12.81 5.93
N GLU A 45 16.74 -13.99 5.97
CA GLU A 45 17.48 -15.21 5.73
C GLU A 45 17.93 -15.36 4.29
N PHE A 46 17.16 -14.79 3.36
CA PHE A 46 17.41 -15.06 1.95
C PHE A 46 17.70 -13.81 1.11
N GLY A 47 17.59 -12.63 1.72
CA GLY A 47 17.85 -11.41 0.99
C GLY A 47 18.00 -10.18 1.87
N GLU A 48 18.37 -9.07 1.26
CA GLU A 48 18.54 -7.83 1.99
C GLU A 48 17.91 -6.68 1.22
N VAL A 49 17.49 -5.66 1.97
CA VAL A 49 16.99 -4.43 1.37
C VAL A 49 17.96 -3.32 1.69
N CYS A 50 18.37 -2.58 0.66
CA CYS A 50 19.35 -1.52 0.78
C CYS A 50 18.82 -0.24 0.17
N SER A 51 19.50 0.86 0.46
CA SER A 51 19.26 2.10 -0.25
C SER A 51 20.56 2.52 -0.93
N GLY A 52 20.42 3.31 -1.98
CA GLY A 52 21.59 3.68 -2.76
C GLY A 52 21.23 4.64 -3.86
N ARG A 53 22.03 4.63 -4.92
CA ARG A 53 21.86 5.56 -6.03
C ARG A 53 21.95 4.78 -7.33
N LEU A 54 21.21 5.26 -8.33
CA LEU A 54 21.24 4.67 -9.65
C LEU A 54 21.58 5.74 -10.69
N LYS A 55 22.56 5.47 -11.53
CA LYS A 55 22.87 6.41 -12.59
C LYS A 55 22.07 5.98 -13.82
N LEU A 56 21.19 6.85 -14.29
CA LEU A 56 20.30 6.57 -15.41
C LEU A 56 21.07 6.62 -16.74
N PRO A 57 20.51 6.06 -17.82
CA PRO A 57 21.24 6.13 -19.10
C PRO A 57 21.54 7.56 -19.54
N SER A 58 20.70 8.50 -19.12
CA SER A 58 20.90 9.92 -19.40
C SER A 58 21.97 10.57 -18.50
N LYS A 59 22.56 9.77 -17.62
CA LYS A 59 23.61 10.15 -16.65
C LYS A 59 23.06 10.83 -15.39
N LYS A 60 21.75 11.12 -15.37
CA LYS A 60 21.14 11.63 -14.14
C LYS A 60 21.21 10.56 -13.03
N GLU A 61 21.45 10.99 -11.79
CA GLU A 61 21.56 10.03 -10.69
C GLU A 61 20.37 10.21 -9.74
N ILE A 62 19.73 9.11 -9.37
CA ILE A 62 18.56 9.19 -8.50
C ILE A 62 18.74 8.29 -7.28
N SER A 63 18.00 8.58 -6.20
CA SER A 63 17.99 7.68 -5.04
C SER A 63 17.09 6.48 -5.33
N VAL A 64 17.52 5.31 -4.90
CA VAL A 64 16.76 4.09 -5.13
C VAL A 64 16.78 3.18 -3.90
N ALA A 65 15.82 2.26 -3.86
CA ALA A 65 15.89 1.13 -2.95
C ALA A 65 16.34 -0.10 -3.75
N ILE A 66 17.07 -0.99 -3.09
CA ILE A 66 17.69 -2.11 -3.75
C ILE A 66 17.50 -3.40 -2.97
N LYS A 67 16.79 -4.35 -3.57
CA LYS A 67 16.63 -5.66 -2.96
C LYS A 67 17.69 -6.56 -3.59
N THR A 68 18.43 -7.26 -2.75
CA THR A 68 19.44 -8.19 -3.25
C THR A 68 19.19 -9.59 -2.71
N LEU A 69 19.52 -10.59 -3.51
CA LEU A 69 19.51 -11.96 -3.02
C LEU A 69 20.82 -12.19 -2.30
N LYS A 70 20.80 -12.99 -1.24
CA LYS A 70 22.02 -13.27 -0.50
C LYS A 70 22.89 -14.23 -1.30
N VAL A 71 24.20 -14.10 -1.13
CA VAL A 71 25.16 -14.94 -1.85
C VAL A 71 24.83 -16.43 -1.61
N GLY A 72 24.94 -17.23 -2.67
CA GLY A 72 24.75 -18.67 -2.56
C GLY A 72 23.33 -19.18 -2.80
N TYR A 73 22.49 -18.32 -3.36
CA TYR A 73 21.10 -18.68 -3.62
C TYR A 73 20.96 -19.73 -4.72
N THR A 74 19.82 -20.41 -4.73
CA THR A 74 19.52 -21.42 -5.75
C THR A 74 18.85 -20.81 -6.98
N GLU A 75 18.77 -21.59 -8.05
CA GLU A 75 18.12 -21.14 -9.28
C GLU A 75 16.64 -20.86 -9.08
N LYS A 76 16.00 -21.66 -8.22
CA LYS A 76 14.59 -21.47 -7.93
C LYS A 76 14.37 -20.19 -7.12
N GLN A 77 15.31 -19.90 -6.22
CA GLN A 77 15.25 -18.65 -5.46
C GLN A 77 15.40 -17.47 -6.41
N ARG A 78 16.26 -17.62 -7.41
CA ARG A 78 16.46 -16.60 -8.43
C ARG A 78 15.16 -16.35 -9.20
N ARG A 79 14.50 -17.44 -9.59
CA ARG A 79 13.27 -17.34 -10.34
C ARG A 79 12.16 -16.67 -9.53
N ASP A 80 12.02 -17.08 -8.27
CA ASP A 80 11.01 -16.51 -7.38
C ASP A 80 11.28 -15.04 -7.10
N PHE A 81 12.55 -14.74 -6.85
CA PHE A 81 13.00 -13.38 -6.62
C PHE A 81 12.61 -12.47 -7.78
N LEU A 82 12.99 -12.86 -8.99
CA LEU A 82 12.73 -12.06 -10.18
C LEU A 82 11.25 -12.02 -10.54
N GLY A 83 10.48 -13.01 -10.10
CA GLY A 83 9.04 -12.99 -10.31
C GLY A 83 8.39 -11.75 -9.75
N GLU A 84 8.93 -11.26 -8.64
CA GLU A 84 8.41 -10.04 -8.04
C GLU A 84 8.57 -8.84 -9.01
N ALA A 85 9.74 -8.73 -9.63
CA ALA A 85 9.97 -7.64 -10.57
C ALA A 85 9.08 -7.76 -11.82
N SER A 86 8.83 -8.99 -12.26
CA SER A 86 7.94 -9.21 -13.40
C SER A 86 6.57 -8.58 -13.13
N ILE A 87 6.07 -8.76 -11.92
CA ILE A 87 4.77 -8.19 -11.56
C ILE A 87 4.84 -6.65 -11.44
N MET A 88 5.80 -6.16 -10.68
CA MET A 88 5.95 -4.72 -10.45
C MET A 88 6.13 -3.92 -11.73
N GLY A 89 6.93 -4.45 -12.65
CA GLY A 89 7.24 -3.72 -13.87
C GLY A 89 6.04 -3.50 -14.77
N GLN A 90 4.94 -4.19 -14.50
CA GLN A 90 3.74 -4.02 -15.32
C GLN A 90 3.01 -2.73 -15.03
N PHE A 91 3.35 -2.07 -13.91
CA PHE A 91 2.57 -0.93 -13.45
C PHE A 91 3.39 0.36 -13.38
N ASP A 92 3.02 1.32 -14.23
CA ASP A 92 3.72 2.60 -14.32
C ASP A 92 2.72 3.68 -13.94
N HIS A 93 2.78 4.13 -12.69
CA HIS A 93 1.79 5.06 -12.17
C HIS A 93 2.43 5.85 -11.03
N PRO A 94 2.10 7.15 -10.89
CA PRO A 94 2.65 8.03 -9.87
C PRO A 94 2.40 7.54 -8.45
N ASN A 95 1.33 6.76 -8.27
CA ASN A 95 0.97 6.29 -6.95
C ASN A 95 1.12 4.79 -6.79
N ILE A 96 1.98 4.20 -7.62
CA ILE A 96 2.38 2.81 -7.45
C ILE A 96 3.91 2.75 -7.42
N ILE A 97 4.48 1.96 -6.51
CA ILE A 97 5.95 1.88 -6.42
C ILE A 97 6.57 1.60 -7.78
N ARG A 98 7.57 2.41 -8.13
CA ARG A 98 8.16 2.36 -9.47
C ARG A 98 9.33 1.42 -9.50
N LEU A 99 9.29 0.46 -10.42
CA LEU A 99 10.42 -0.42 -10.65
C LEU A 99 11.40 0.28 -11.60
N GLU A 100 12.64 0.49 -11.16
CA GLU A 100 13.67 1.04 -12.03
C GLU A 100 14.29 -0.04 -12.91
N GLY A 101 14.40 -1.26 -12.40
CA GLY A 101 14.90 -2.35 -13.20
C GLY A 101 15.47 -3.49 -12.39
N VAL A 102 16.15 -4.41 -13.07
CA VAL A 102 16.73 -5.57 -12.43
C VAL A 102 18.17 -5.73 -12.83
N VAL A 103 18.94 -6.42 -12.00
CA VAL A 103 20.29 -6.84 -12.35
C VAL A 103 20.24 -8.35 -12.43
N THR A 104 20.45 -8.92 -13.61
CA THR A 104 20.42 -10.38 -13.78
C THR A 104 21.70 -10.93 -14.41
N LYS A 105 22.45 -10.07 -15.09
CA LYS A 105 23.63 -10.51 -15.81
C LYS A 105 24.84 -10.65 -14.89
N SER A 106 24.81 -9.98 -13.74
CA SER A 106 25.84 -10.17 -12.73
C SER A 106 25.20 -10.62 -11.41
N LYS A 107 26.04 -11.01 -10.47
CA LYS A 107 25.57 -11.50 -9.17
C LYS A 107 26.15 -10.62 -8.05
N PRO A 108 25.35 -10.36 -6.99
CA PRO A 108 24.01 -10.91 -6.74
C PRO A 108 22.93 -10.28 -7.62
N VAL A 109 21.86 -11.04 -7.88
CA VAL A 109 20.74 -10.54 -8.61
C VAL A 109 20.08 -9.43 -7.78
N MET A 110 19.53 -8.42 -8.44
CA MET A 110 18.96 -7.27 -7.73
C MET A 110 17.66 -6.79 -8.35
N ILE A 111 16.79 -6.25 -7.49
CA ILE A 111 15.61 -5.50 -7.92
C ILE A 111 15.75 -4.06 -7.42
N VAL A 112 15.62 -3.09 -8.32
CA VAL A 112 15.85 -1.68 -7.98
C VAL A 112 14.56 -0.86 -8.16
N THR A 113 14.15 -0.17 -7.10
CA THR A 113 12.92 0.61 -7.13
C THR A 113 13.15 2.08 -6.73
N GLU A 114 12.14 2.91 -6.92
CA GLU A 114 12.26 4.29 -6.45
C GLU A 114 12.36 4.26 -4.91
N TYR A 115 12.95 5.32 -4.36
CA TYR A 115 13.24 5.43 -2.94
C TYR A 115 12.17 6.26 -2.28
N MET A 116 11.59 5.76 -1.18
CA MET A 116 10.51 6.47 -0.51
C MET A 116 10.99 6.88 0.88
N GLU A 117 11.42 8.14 0.97
CA GLU A 117 12.20 8.63 2.10
C GLU A 117 11.49 8.42 3.44
N ASN A 118 10.17 8.53 3.45
CA ASN A 118 9.46 8.51 4.74
C ASN A 118 8.85 7.16 5.09
N GLY A 119 9.21 6.15 4.31
CA GLY A 119 8.93 4.78 4.71
C GLY A 119 7.46 4.36 4.65
N SER A 120 7.10 3.37 5.46
N SER A 120 7.10 3.38 5.47
CA SER A 120 5.72 2.90 5.51
CA SER A 120 5.72 2.90 5.53
C SER A 120 4.82 3.96 6.14
C SER A 120 4.81 3.94 6.17
N LEU A 121 3.62 4.08 5.61
CA LEU A 121 2.70 5.14 6.02
C LEU A 121 2.20 4.98 7.46
N ASP A 122 1.99 3.75 7.91
CA ASP A 122 1.42 3.57 9.24
C ASP A 122 2.43 4.03 10.30
N SER A 123 3.69 3.65 10.11
CA SER A 123 4.70 4.00 11.09
C SER A 123 5.01 5.49 11.01
N PHE A 124 4.95 6.07 9.82
CA PHE A 124 5.15 7.51 9.64
C PHE A 124 4.07 8.32 10.36
N LEU A 125 2.80 7.93 10.19
CA LEU A 125 1.71 8.67 10.83
C LEU A 125 1.75 8.53 12.36
N ARG A 126 2.19 7.37 12.85
CA ARG A 126 2.31 7.17 14.30
C ARG A 126 3.33 8.11 14.91
N LYS A 127 4.38 8.45 14.16
CA LYS A 127 5.36 9.42 14.66
C LYS A 127 4.82 10.84 14.66
N HIS A 128 3.68 11.05 14.01
CA HIS A 128 3.20 12.41 13.81
C HIS A 128 1.72 12.57 14.13
N ASP A 129 1.29 11.90 15.19
CA ASP A 129 -0.11 11.91 15.62
C ASP A 129 -0.68 13.32 15.72
N ALA A 130 -1.71 13.58 14.90
CA ALA A 130 -2.48 14.81 14.89
C ALA A 130 -1.69 16.01 14.37
N GLN A 131 -0.58 15.75 13.66
CA GLN A 131 0.27 16.85 13.20
C GLN A 131 0.06 17.28 11.75
N PHE A 132 -0.83 16.61 11.03
CA PHE A 132 -1.15 17.00 9.66
C PHE A 132 -2.54 17.60 9.56
N THR A 133 -2.79 18.42 8.53
CA THR A 133 -4.12 18.95 8.30
C THR A 133 -5.00 17.86 7.70
N VAL A 134 -6.32 17.99 7.83
CA VAL A 134 -7.23 17.01 7.27
C VAL A 134 -7.05 16.96 5.75
N ILE A 135 -6.87 18.12 5.12
CA ILE A 135 -6.62 18.18 3.68
C ILE A 135 -5.36 17.41 3.29
N GLN A 136 -4.29 17.52 4.09
CA GLN A 136 -3.08 16.74 3.82
C GLN A 136 -3.38 15.25 3.87
N LEU A 137 -4.11 14.82 4.88
CA LEU A 137 -4.48 13.41 5.01
C LEU A 137 -5.33 12.95 3.82
N VAL A 138 -6.28 13.79 3.38
CA VAL A 138 -7.12 13.43 2.23
C VAL A 138 -6.28 13.35 0.95
N GLY A 139 -5.29 14.23 0.84
CA GLY A 139 -4.34 14.13 -0.26
C GLY A 139 -3.64 12.78 -0.33
N MET A 140 -3.17 12.29 0.81
CA MET A 140 -2.54 10.98 0.91
C MET A 140 -3.50 9.90 0.44
N LEU A 141 -4.71 9.97 0.96
CA LEU A 141 -5.74 8.98 0.65
C LEU A 141 -6.16 9.01 -0.79
N ARG A 142 -6.17 10.21 -1.38
CA ARG A 142 -6.47 10.34 -2.81
C ARG A 142 -5.41 9.65 -3.66
N GLY A 143 -4.15 9.83 -3.29
CA GLY A 143 -3.05 9.18 -4.02
C GLY A 143 -3.19 7.67 -3.96
N ILE A 144 -3.47 7.16 -2.77
CA ILE A 144 -3.62 5.73 -2.60
C ILE A 144 -4.75 5.21 -3.47
N ALA A 145 -5.89 5.92 -3.45
CA ALA A 145 -7.05 5.54 -4.26
C ALA A 145 -6.73 5.55 -5.74
N SER A 146 -5.93 6.52 -6.18
CA SER A 146 -5.61 6.63 -7.60
C SER A 146 -4.73 5.47 -8.07
N GLY A 147 -3.77 5.09 -7.24
CA GLY A 147 -2.94 3.93 -7.53
C GLY A 147 -3.77 2.65 -7.58
N MET A 148 -4.72 2.53 -6.64
CA MET A 148 -5.59 1.34 -6.66
C MET A 148 -6.54 1.32 -7.85
N LYS A 149 -7.00 2.49 -8.28
CA LYS A 149 -7.86 2.56 -9.45
C LYS A 149 -7.09 2.01 -10.66
N TYR A 150 -5.82 2.36 -10.77
CA TYR A 150 -5.03 1.89 -11.91
C TYR A 150 -4.78 0.38 -11.81
N LEU A 151 -4.38 -0.09 -10.63
CA LEU A 151 -4.23 -1.53 -10.41
C LEU A 151 -5.50 -2.32 -10.79
N SER A 152 -6.66 -1.85 -10.35
N SER A 152 -6.65 -1.84 -10.33
CA SER A 152 -7.90 -2.56 -10.65
CA SER A 152 -7.92 -2.50 -10.63
C SER A 152 -8.26 -2.45 -12.13
C SER A 152 -8.23 -2.45 -12.12
N ASP A 153 -7.94 -1.32 -12.75
CA ASP A 153 -8.09 -1.18 -14.20
C ASP A 153 -7.31 -2.23 -14.95
N MET A 154 -6.16 -2.61 -14.41
CA MET A 154 -5.25 -3.54 -15.06
C MET A 154 -5.60 -4.98 -14.71
N GLY A 155 -6.69 -5.15 -13.94
CA GLY A 155 -7.18 -6.45 -13.55
C GLY A 155 -6.40 -7.12 -12.44
N TYR A 156 -5.67 -6.32 -11.66
CA TYR A 156 -4.82 -6.89 -10.62
C TYR A 156 -5.47 -6.68 -9.26
N VAL A 157 -5.70 -7.77 -8.51
CA VAL A 157 -6.22 -7.69 -7.16
C VAL A 157 -5.05 -7.76 -6.18
N HIS A 158 -4.91 -6.72 -5.39
CA HIS A 158 -3.75 -6.57 -4.52
C HIS A 158 -3.74 -7.62 -3.39
N ARG A 159 -4.86 -7.73 -2.69
CA ARG A 159 -5.10 -8.68 -1.58
C ARG A 159 -4.39 -8.34 -0.28
N ASP A 160 -3.41 -7.45 -0.34
N ASP A 160 -3.42 -7.44 -0.33
CA ASP A 160 -2.62 -7.08 0.85
CA ASP A 160 -2.64 -7.10 0.87
C ASP A 160 -2.66 -5.59 1.17
C ASP A 160 -2.62 -5.58 1.08
N LEU A 161 -3.71 -4.89 0.74
CA LEU A 161 -3.74 -3.44 0.88
C LEU A 161 -3.91 -3.07 2.35
N ALA A 162 -2.93 -2.33 2.86
CA ALA A 162 -2.84 -1.94 4.28
C ALA A 162 -1.92 -0.74 4.35
N ALA A 163 -2.07 0.10 5.37
CA ALA A 163 -1.25 1.30 5.49
C ALA A 163 0.23 0.95 5.51
N ARG A 164 0.59 -0.19 6.10
CA ARG A 164 2.00 -0.57 6.16
C ARG A 164 2.59 -0.82 4.78
N ASN A 165 1.73 -1.10 3.81
CA ASN A 165 2.18 -1.35 2.46
C ASN A 165 2.04 -0.13 1.58
N ILE A 166 1.70 1.00 2.20
CA ILE A 166 1.76 2.26 1.49
C ILE A 166 3.06 2.95 1.85
N LEU A 167 3.84 3.35 0.84
CA LEU A 167 5.12 4.00 1.07
C LEU A 167 4.98 5.48 0.77
N ILE A 168 5.66 6.33 1.55
CA ILE A 168 5.41 7.76 1.39
C ILE A 168 6.75 8.46 1.21
N ASN A 169 6.86 9.35 0.23
CA ASN A 169 8.17 9.91 -0.07
C ASN A 169 8.39 11.25 0.62
N SER A 170 9.46 11.94 0.26
CA SER A 170 9.84 13.15 0.98
C SER A 170 8.82 14.28 0.84
N ASN A 171 8.00 14.23 -0.21
CA ASN A 171 6.94 15.21 -0.43
C ASN A 171 5.56 14.73 -0.02
N LEU A 172 5.53 13.62 0.73
CA LEU A 172 4.30 13.03 1.27
C LEU A 172 3.42 12.41 0.18
N VAL A 173 4.00 12.17 -0.99
CA VAL A 173 3.27 11.40 -2.02
C VAL A 173 3.22 9.94 -1.62
N CYS A 174 2.02 9.35 -1.67
CA CYS A 174 1.81 7.97 -1.23
C CYS A 174 1.75 7.01 -2.41
N LYS A 175 2.44 5.88 -2.28
CA LYS A 175 2.46 4.90 -3.35
C LYS A 175 2.10 3.51 -2.85
N VAL A 176 1.24 2.85 -3.60
CA VAL A 176 0.89 1.47 -3.33
C VAL A 176 2.10 0.55 -3.55
N SER A 177 2.39 -0.29 -2.57
CA SER A 177 3.43 -1.29 -2.70
C SER A 177 2.88 -2.60 -2.16
N ASP A 178 3.67 -3.66 -2.21
CA ASP A 178 3.40 -4.81 -1.36
C ASP A 178 4.71 -5.16 -0.68
N PHE A 179 5.21 -4.18 0.06
CA PHE A 179 6.41 -4.32 0.88
C PHE A 179 6.28 -5.53 1.81
N GLY A 180 5.07 -5.71 2.34
CA GLY A 180 4.79 -6.81 3.24
C GLY A 180 5.12 -8.16 2.63
N LEU A 181 4.61 -8.41 1.43
CA LEU A 181 4.82 -9.69 0.78
C LEU A 181 6.28 -9.80 0.35
N SER A 182 6.86 -8.67 -0.01
CA SER A 182 8.24 -8.63 -0.48
C SER A 182 9.22 -8.97 0.64
N ARG A 183 8.86 -8.58 1.86
CA ARG A 183 9.70 -8.83 3.03
C ARG A 183 9.60 -10.30 3.47
N LYS A 199 -1.00 -16.87 4.62
CA LYS A 199 -2.00 -16.47 5.61
C LYS A 199 -2.72 -15.20 5.17
N ILE A 200 -4.01 -15.13 5.50
CA ILE A 200 -4.83 -13.98 5.15
C ILE A 200 -4.69 -12.89 6.22
N PRO A 201 -4.28 -11.68 5.83
CA PRO A 201 -4.22 -10.57 6.80
C PRO A 201 -5.63 -10.20 7.24
N ILE A 202 -6.12 -10.88 8.27
CA ILE A 202 -7.53 -10.82 8.67
C ILE A 202 -8.09 -9.41 8.82
N ARG A 203 -7.35 -8.55 9.51
CA ARG A 203 -7.85 -7.20 9.81
C ARG A 203 -8.15 -6.38 8.57
N TRP A 204 -7.49 -6.69 7.46
CA TRP A 204 -7.61 -5.90 6.24
C TRP A 204 -8.46 -6.56 5.16
N THR A 205 -8.93 -7.77 5.44
CA THR A 205 -9.53 -8.61 4.41
C THR A 205 -11.05 -8.60 4.53
N SER A 206 -11.74 -8.52 3.39
CA SER A 206 -13.20 -8.51 3.37
C SER A 206 -13.77 -9.83 3.90
N PRO A 207 -15.02 -9.79 4.38
CA PRO A 207 -15.64 -11.02 4.91
C PRO A 207 -15.66 -12.17 3.90
N GLU A 208 -15.98 -11.88 2.64
CA GLU A 208 -16.12 -12.95 1.66
C GLU A 208 -14.74 -13.52 1.29
N ALA A 209 -13.69 -12.71 1.39
CA ALA A 209 -12.38 -13.25 1.10
C ALA A 209 -11.89 -14.12 2.27
N ILE A 210 -12.22 -13.72 3.50
CA ILE A 210 -11.94 -14.58 4.66
C ILE A 210 -12.76 -15.88 4.59
N ALA A 211 -14.04 -15.76 4.21
CA ALA A 211 -14.95 -16.90 4.22
C ALA A 211 -14.56 -17.97 3.21
N TYR A 212 -14.24 -17.56 1.99
CA TYR A 212 -13.95 -18.53 0.94
C TYR A 212 -13.06 -17.97 -0.15
N ARG A 213 -12.15 -17.10 0.24
CA ARG A 213 -11.11 -16.64 -0.67
C ARG A 213 -11.66 -15.96 -1.93
N LYS A 214 -12.78 -15.27 -1.77
CA LYS A 214 -13.36 -14.50 -2.86
C LYS A 214 -12.67 -13.14 -2.94
N PHE A 215 -11.56 -13.12 -3.66
CA PHE A 215 -10.75 -11.91 -3.83
C PHE A 215 -11.10 -11.23 -5.15
N THR A 216 -11.54 -9.98 -5.06
CA THR A 216 -11.95 -9.19 -6.22
C THR A 216 -11.50 -7.76 -5.99
N SER A 217 -11.71 -6.88 -6.95
CA SER A 217 -11.37 -5.47 -6.68
C SER A 217 -12.26 -4.92 -5.56
N ALA A 218 -13.47 -5.47 -5.39
CA ALA A 218 -14.32 -5.04 -4.28
C ALA A 218 -13.76 -5.47 -2.93
N SER A 219 -12.99 -6.56 -2.87
CA SER A 219 -12.36 -6.89 -1.60
C SER A 219 -11.19 -5.94 -1.35
N ASP A 220 -10.55 -5.47 -2.42
CA ASP A 220 -9.53 -4.43 -2.25
C ASP A 220 -10.18 -3.13 -1.76
N VAL A 221 -11.40 -2.87 -2.22
CA VAL A 221 -12.08 -1.66 -1.76
C VAL A 221 -12.39 -1.76 -0.26
N TRP A 222 -12.75 -2.95 0.21
CA TRP A 222 -12.89 -3.16 1.65
C TRP A 222 -11.58 -2.81 2.36
N SER A 223 -10.48 -3.36 1.86
CA SER A 223 -9.15 -3.07 2.42
C SER A 223 -8.87 -1.58 2.41
N TYR A 224 -9.23 -0.92 1.31
CA TYR A 224 -9.04 0.53 1.23
C TYR A 224 -9.82 1.25 2.35
N GLY A 225 -11.03 0.79 2.65
CA GLY A 225 -11.76 1.34 3.77
C GLY A 225 -10.97 1.25 5.08
N ILE A 226 -10.31 0.12 5.29
CA ILE A 226 -9.48 -0.02 6.49
C ILE A 226 -8.27 0.95 6.47
N VAL A 227 -7.65 1.10 5.31
CA VAL A 227 -6.56 2.06 5.16
C VAL A 227 -7.04 3.48 5.46
N LEU A 228 -8.24 3.80 4.99
CA LEU A 228 -8.85 5.09 5.29
C LEU A 228 -8.95 5.28 6.81
N TRP A 229 -9.40 4.26 7.50
CA TRP A 229 -9.46 4.33 8.96
C TRP A 229 -8.07 4.44 9.58
N GLU A 230 -7.11 3.69 9.05
CA GLU A 230 -5.74 3.77 9.56
C GLU A 230 -5.17 5.17 9.41
N VAL A 231 -5.40 5.80 8.27
CA VAL A 231 -4.86 7.12 8.04
C VAL A 231 -5.50 8.15 8.97
N MET A 232 -6.83 8.15 9.04
CA MET A 232 -7.53 9.12 9.89
C MET A 232 -7.29 8.89 11.39
N SER A 233 -6.80 7.71 11.75
N SER A 233 -6.80 7.71 11.75
CA SER A 233 -6.44 7.40 13.12
CA SER A 233 -6.44 7.41 13.13
C SER A 233 -4.95 7.57 13.42
C SER A 233 -4.93 7.47 13.38
N TYR A 234 -4.20 8.04 12.43
CA TYR A 234 -2.73 8.18 12.52
C TYR A 234 -2.00 6.89 12.90
N GLY A 235 -2.36 5.81 12.20
CA GLY A 235 -1.61 4.57 12.25
C GLY A 235 -1.98 3.67 13.41
N GLU A 236 -3.17 3.85 13.97
CA GLU A 236 -3.70 2.90 14.93
C GLU A 236 -3.91 1.54 14.23
N ARG A 237 -3.74 0.46 14.97
CA ARG A 237 -3.93 -0.86 14.39
C ARG A 237 -5.42 -1.17 14.26
N PRO A 238 -5.88 -1.54 13.05
CA PRO A 238 -7.29 -1.90 12.90
C PRO A 238 -7.70 -3.01 13.87
N TYR A 239 -8.79 -2.77 14.61
CA TYR A 239 -9.33 -3.70 15.60
C TYR A 239 -8.33 -3.96 16.71
N TRP A 240 -7.32 -3.10 16.82
CA TRP A 240 -6.35 -3.16 17.90
C TRP A 240 -5.78 -4.58 18.00
N GLU A 241 -5.85 -5.21 19.17
CA GLU A 241 -5.36 -6.58 19.29
C GLU A 241 -6.45 -7.61 19.59
N MET A 242 -7.66 -7.35 19.13
CA MET A 242 -8.75 -8.33 19.23
C MET A 242 -8.32 -9.69 18.69
N SER A 243 -8.81 -10.77 19.32
CA SER A 243 -8.56 -12.12 18.79
C SER A 243 -9.05 -12.15 17.36
N ASN A 244 -8.31 -12.83 16.48
CA ASN A 244 -8.71 -12.90 15.07
C ASN A 244 -10.11 -13.48 14.88
N GLN A 245 -10.46 -14.46 15.70
CA GLN A 245 -11.79 -15.06 15.58
C GLN A 245 -12.87 -14.03 15.94
N ASP A 246 -12.53 -13.09 16.82
CA ASP A 246 -13.50 -12.08 17.21
C ASP A 246 -13.56 -10.96 16.17
N VAL A 247 -12.46 -10.70 15.48
CA VAL A 247 -12.51 -9.73 14.40
C VAL A 247 -13.43 -10.27 13.32
N ILE A 248 -13.29 -11.55 13.01
CA ILE A 248 -14.11 -12.18 11.97
C ILE A 248 -15.59 -12.18 12.37
N LYS A 249 -15.85 -12.59 13.61
CA LYS A 249 -17.22 -12.69 14.09
C LYS A 249 -17.88 -11.33 14.23
N ALA A 250 -17.18 -10.35 14.80
CA ALA A 250 -17.76 -9.02 15.01
C ALA A 250 -18.17 -8.37 13.69
N VAL A 251 -17.27 -8.40 12.72
CA VAL A 251 -17.55 -7.81 11.42
C VAL A 251 -18.72 -8.53 10.77
N ASP A 252 -18.73 -9.85 10.88
CA ASP A 252 -19.82 -10.64 10.33
C ASP A 252 -21.17 -10.26 10.95
N GLU A 253 -21.18 -9.94 12.24
CA GLU A 253 -22.40 -9.57 12.93
C GLU A 253 -22.86 -8.13 12.64
N GLY A 254 -22.02 -7.35 11.96
CA GLY A 254 -22.40 -6.02 11.55
C GLY A 254 -21.60 -4.91 12.22
N TYR A 255 -20.70 -5.29 13.12
CA TYR A 255 -19.90 -4.31 13.83
C TYR A 255 -18.81 -3.75 12.94
N ARG A 256 -18.51 -2.47 13.14
CA ARG A 256 -17.50 -1.78 12.34
C ARG A 256 -16.62 -0.97 13.27
N LEU A 257 -15.42 -0.66 12.80
CA LEU A 257 -14.53 0.24 13.51
C LEU A 257 -15.24 1.57 13.74
N PRO A 258 -15.02 2.17 14.90
CA PRO A 258 -15.64 3.45 15.25
C PRO A 258 -14.94 4.59 14.54
N PRO A 259 -15.60 5.74 14.39
CA PRO A 259 -14.95 6.89 13.76
C PRO A 259 -13.74 7.31 14.56
N PRO A 260 -12.62 7.56 13.87
CA PRO A 260 -11.46 8.10 14.57
C PRO A 260 -11.82 9.46 15.18
N MET A 261 -11.07 9.89 16.20
CA MET A 261 -11.34 11.17 16.82
C MET A 261 -11.32 12.29 15.79
N ASP A 262 -12.34 13.15 15.83
CA ASP A 262 -12.46 14.32 14.94
C ASP A 262 -12.61 13.96 13.46
N CYS A 263 -13.05 12.74 13.16
CA CYS A 263 -13.14 12.31 11.78
C CYS A 263 -14.28 13.01 11.05
N PRO A 264 -13.96 13.62 9.89
CA PRO A 264 -15.01 14.17 9.03
C PRO A 264 -16.10 13.13 8.73
N ALA A 265 -17.36 13.52 8.88
CA ALA A 265 -18.48 12.62 8.64
C ALA A 265 -18.42 11.99 7.24
N ALA A 266 -18.02 12.77 6.25
CA ALA A 266 -17.94 12.30 4.88
C ALA A 266 -16.96 11.13 4.77
N LEU A 267 -15.86 11.21 5.51
CA LEU A 267 -14.81 10.19 5.43
C LEU A 267 -15.22 8.93 6.19
N TYR A 268 -15.94 9.11 7.31
CA TYR A 268 -16.44 7.94 8.03
C TYR A 268 -17.52 7.24 7.21
N GLN A 269 -18.41 8.01 6.59
CA GLN A 269 -19.42 7.41 5.72
C GLN A 269 -18.75 6.63 4.59
N LEU A 270 -17.64 7.16 4.06
CA LEU A 270 -16.91 6.46 3.00
C LEU A 270 -16.33 5.13 3.51
N MET A 271 -15.79 5.13 4.72
CA MET A 271 -15.36 3.87 5.36
C MET A 271 -16.51 2.86 5.39
N LEU A 272 -17.65 3.29 5.91
CA LEU A 272 -18.79 2.38 6.05
C LEU A 272 -19.25 1.83 4.70
N ASP A 273 -19.18 2.65 3.66
CA ASP A 273 -19.52 2.20 2.32
C ASP A 273 -18.53 1.16 1.79
N CYS A 274 -17.25 1.39 2.05
CA CYS A 274 -16.24 0.40 1.69
C CYS A 274 -16.45 -0.91 2.43
N TRP A 275 -17.10 -0.82 3.60
CA TRP A 275 -17.31 -2.00 4.44
C TRP A 275 -18.73 -2.55 4.33
N GLN A 276 -19.40 -2.31 3.21
CA GLN A 276 -20.70 -2.95 2.98
C GLN A 276 -20.56 -4.47 2.94
N LYS A 277 -21.46 -5.20 3.60
CA LYS A 277 -21.37 -6.67 3.58
C LYS A 277 -21.50 -7.20 2.16
N ASP A 278 -22.39 -6.59 1.40
CA ASP A 278 -22.63 -6.97 0.02
C ASP A 278 -21.56 -6.31 -0.86
N ARG A 279 -20.67 -7.13 -1.42
CA ARG A 279 -19.54 -6.59 -2.16
C ARG A 279 -19.97 -5.76 -3.38
N ASN A 280 -21.15 -6.05 -3.92
CA ASN A 280 -21.65 -5.30 -5.06
C ASN A 280 -22.06 -3.87 -4.72
N ASN A 281 -22.24 -3.59 -3.43
CA ASN A 281 -22.66 -2.25 -3.00
C ASN A 281 -21.51 -1.34 -2.60
N ARG A 282 -20.29 -1.84 -2.67
CA ARG A 282 -19.14 -1.01 -2.31
C ARG A 282 -18.84 -0.06 -3.46
N PRO A 283 -18.32 1.13 -3.15
CA PRO A 283 -17.92 2.04 -4.23
C PRO A 283 -16.82 1.47 -5.11
N LYS A 284 -16.74 1.88 -6.37
CA LYS A 284 -15.58 1.55 -7.19
C LYS A 284 -14.46 2.52 -6.88
N PHE A 285 -13.22 2.15 -7.19
CA PHE A 285 -12.11 3.04 -6.88
C PHE A 285 -12.24 4.38 -7.59
N GLU A 286 -12.77 4.38 -8.81
CA GLU A 286 -12.97 5.63 -9.54
C GLU A 286 -13.89 6.59 -8.80
N GLN A 287 -14.93 6.04 -8.16
CA GLN A 287 -15.84 6.83 -7.35
C GLN A 287 -15.13 7.37 -6.12
N ILE A 288 -14.28 6.55 -5.53
CA ILE A 288 -13.52 6.97 -4.35
C ILE A 288 -12.60 8.15 -4.68
N VAL A 289 -11.88 8.04 -5.80
CA VAL A 289 -11.05 9.14 -6.23
C VAL A 289 -11.88 10.40 -6.43
N SER A 290 -13.03 10.26 -7.08
CA SER A 290 -13.92 11.39 -7.34
C SER A 290 -14.42 12.06 -6.06
N ILE A 291 -14.80 11.24 -5.08
CA ILE A 291 -15.29 11.75 -3.81
C ILE A 291 -14.22 12.51 -3.07
N LEU A 292 -13.01 11.96 -3.06
CA LEU A 292 -11.90 12.62 -2.38
C LEU A 292 -11.50 13.92 -3.09
N ASP A 293 -11.53 13.92 -4.42
CA ASP A 293 -11.27 15.15 -5.18
C ASP A 293 -12.29 16.25 -4.84
N LYS A 294 -13.57 15.88 -4.72
CA LYS A 294 -14.61 16.85 -4.36
C LYS A 294 -14.37 17.44 -2.96
N LEU A 295 -13.91 16.61 -2.04
CA LEU A 295 -13.64 17.07 -0.68
C LEU A 295 -12.44 18.03 -0.64
N ILE A 296 -11.41 17.73 -1.41
CA ILE A 296 -10.23 18.58 -1.53
C ILE A 296 -10.59 19.95 -2.13
N ARG A 297 -11.44 19.92 -3.15
CA ARG A 297 -11.82 21.15 -3.83
C ARG A 297 -12.77 21.98 -2.97
N ASN A 298 -13.46 21.32 -2.05
CA ASN A 298 -14.40 21.99 -1.15
C ASN A 298 -14.16 21.63 0.32
N PRO A 299 -13.06 22.13 0.90
CA PRO A 299 -12.57 21.77 2.23
C PRO A 299 -13.59 21.99 3.33
N GLY A 300 -14.52 22.92 3.14
CA GLY A 300 -15.52 23.23 4.14
C GLY A 300 -16.35 22.03 4.54
N SER A 301 -16.61 21.15 3.58
CA SER A 301 -17.38 19.94 3.83
C SER A 301 -16.73 19.03 4.87
N LEU A 302 -15.43 19.17 5.07
CA LEU A 302 -14.69 18.35 6.03
C LEU A 302 -14.84 18.86 7.45
N LYS A 303 -15.48 20.01 7.62
CA LYS A 303 -15.69 20.57 8.97
C LYS A 303 -16.86 19.92 9.69
N ILE A 304 -17.69 19.18 8.97
CA ILE A 304 -18.75 18.38 9.58
C ILE A 304 -18.17 17.05 10.08
N ILE A 305 -18.24 16.85 11.39
CA ILE A 305 -17.51 15.79 12.07
C ILE A 305 -18.46 14.74 12.66
N THR A 306 -17.97 13.54 12.90
CA THR A 306 -18.69 12.53 13.66
C THR A 306 -18.58 12.80 15.16
N SER A 307 -19.31 12.04 15.97
CA SER A 307 -19.23 12.22 17.43
C SER A 307 -19.42 10.90 18.18
N ASN A 314 -16.76 -1.19 21.86
CA ASN A 314 -15.69 -0.47 21.18
C ASN A 314 -15.95 -0.37 19.70
N LEU A 315 -16.43 -1.46 19.12
CA LEU A 315 -16.88 -1.45 17.73
C LEU A 315 -18.32 -0.97 17.71
N LEU A 316 -18.74 -0.42 16.58
CA LEU A 316 -20.08 0.13 16.43
C LEU A 316 -20.98 -0.73 15.58
N LEU A 317 -22.21 -0.90 16.03
CA LEU A 317 -23.21 -1.64 15.27
C LEU A 317 -24.08 -0.69 14.45
N ASP A 318 -24.58 0.36 15.10
CA ASP A 318 -25.49 1.31 14.48
C ASP A 318 -24.79 2.55 13.96
#